data_6LKR
#
_entry.id   6LKR
#
_cell.length_a   64.423
_cell.length_b   72.068
_cell.length_c   100.580
_cell.angle_alpha   90.000
_cell.angle_beta   90.000
_cell.angle_gamma   90.000
#
_symmetry.space_group_name_H-M   'P 21 21 21'
#
loop_
_entity.id
_entity.type
_entity.pdbx_description
1 polymer 'C-type lectin domain family 4, member b1'
2 non-polymer 2-[3-(2-HYDROXY-1,1-DIHYDROXYMETHYL-ETHYLAMINO)-PROPYLAMINO]-2-HYDROXYMETHYL-PROPANE-1,3-DIOL
3 non-polymer 'CALCIUM ION'
4 water water
#
_entity_poly.entity_id   1
_entity_poly.type   'polypeptide(L)'
_entity_poly.pdbx_seq_one_letter_code
;MGSMCPKDWKLFGSHCYLVPTVFSSASWNKSEENCSRMGAHLVVIHSQEEQDFITGILDIHAAYFIGLWDTGHRQWQWVD
QTPYEESVTFWHNGEPSSDNEKCVTVYYRRNIGWGWNDISCNLKQKSVCQMKKINL
;
_entity_poly.pdbx_strand_id   A,B
#
# COMPACT_ATOMS: atom_id res chain seq x y z
N SER A 3 -4.94 19.59 11.70
CA SER A 3 -3.97 19.86 10.60
C SER A 3 -3.89 18.64 9.65
N MET A 4 -3.09 17.63 10.01
CA MET A 4 -2.76 16.49 9.12
C MET A 4 -3.96 15.55 9.00
N CYS A 5 -4.73 15.40 10.09
CA CYS A 5 -5.85 14.43 10.22
C CYS A 5 -7.14 15.16 10.57
N PRO A 6 -8.31 14.67 10.12
CA PRO A 6 -9.59 15.22 10.57
C PRO A 6 -9.69 15.09 12.10
N LYS A 7 -10.55 15.90 12.72
CA LYS A 7 -10.79 15.91 14.18
C LYS A 7 -11.11 14.49 14.67
N ASP A 8 -10.50 14.08 15.78
CA ASP A 8 -10.72 12.80 16.51
C ASP A 8 -10.01 11.63 15.81
N TRP A 9 -9.47 11.82 14.61
CA TRP A 9 -8.63 10.80 13.94
C TRP A 9 -7.24 10.78 14.59
N LYS A 10 -6.55 9.65 14.52
CA LYS A 10 -5.25 9.44 15.19
C LYS A 10 -4.18 9.25 14.11
N LEU A 11 -3.06 9.97 14.25
CA LEU A 11 -1.97 10.00 13.26
C LEU A 11 -1.00 8.84 13.49
N PHE A 12 -0.66 8.09 12.45
CA PHE A 12 0.51 7.18 12.47
C PHE A 12 1.11 7.09 11.08
N GLY A 13 2.43 7.29 10.98
CA GLY A 13 3.10 7.33 9.67
C GLY A 13 2.40 8.32 8.76
N SER A 14 2.05 7.90 7.55
CA SER A 14 1.43 8.77 6.51
C SER A 14 -0.10 8.77 6.63
N HIS A 15 -0.68 8.08 7.61
CA HIS A 15 -2.14 7.79 7.64
C HIS A 15 -2.79 8.35 8.90
N CYS A 16 -4.09 8.59 8.81
CA CYS A 16 -5.01 8.91 9.92
C CYS A 16 -5.91 7.69 10.13
N TYR A 17 -6.21 7.37 11.38
CA TYR A 17 -7.01 6.18 11.77
C TYR A 17 -8.19 6.61 12.64
N LEU A 18 -9.30 5.89 12.52
CA LEU A 18 -10.51 6.09 13.36
C LEU A 18 -11.23 4.76 13.56
N VAL A 19 -11.61 4.49 14.82
CA VAL A 19 -12.61 3.46 15.17
C VAL A 19 -13.97 4.16 15.19
N PRO A 20 -14.84 3.93 14.18
CA PRO A 20 -16.14 4.61 14.12
C PRO A 20 -17.12 4.09 15.17
N THR A 21 -18.08 4.94 15.55
CA THR A 21 -19.12 4.68 16.58
C THR A 21 -20.54 4.83 16.02
N VAL A 22 -20.71 5.29 14.77
CA VAL A 22 -22.08 5.53 14.18
C VAL A 22 -22.92 4.28 14.42
N PHE A 23 -22.39 3.10 14.06
CA PHE A 23 -23.05 1.80 14.35
C PHE A 23 -22.15 1.01 15.31
N SER A 24 -22.78 0.32 16.26
CA SER A 24 -22.11 -0.55 17.26
C SER A 24 -21.46 -1.73 16.55
N SER A 25 -22.04 -2.18 15.42
CA SER A 25 -21.50 -3.29 14.58
CA SER A 25 -21.48 -3.28 14.57
C SER A 25 -22.18 -3.28 13.21
N ALA A 26 -21.55 -3.89 12.21
CA ALA A 26 -22.07 -3.98 10.83
C ALA A 26 -21.31 -5.05 10.06
N SER A 27 -21.89 -5.52 8.95
CA SER A 27 -21.28 -6.45 7.98
C SER A 27 -19.99 -5.82 7.42
N TRP A 28 -19.16 -6.63 6.76
CA TRP A 28 -17.91 -6.14 6.15
C TRP A 28 -18.24 -5.08 5.10
N ASN A 29 -19.21 -5.34 4.21
CA ASN A 29 -19.59 -4.41 3.12
C ASN A 29 -20.06 -3.07 3.69
N LYS A 30 -20.94 -3.12 4.70
N LYS A 30 -20.92 -3.11 4.72
CA LYS A 30 -21.50 -1.90 5.36
CA LYS A 30 -21.51 -1.89 5.36
C LYS A 30 -20.36 -1.14 6.04
C LYS A 30 -20.41 -1.15 6.12
N SER A 31 -19.43 -1.86 6.68
CA SER A 31 -18.24 -1.29 7.37
C SER A 31 -17.34 -0.58 6.34
N GLU A 32 -17.03 -1.22 5.21
CA GLU A 32 -16.24 -0.58 4.14
C GLU A 32 -17.01 0.65 3.60
N GLU A 33 -18.32 0.51 3.41
CA GLU A 33 -19.17 1.63 2.90
C GLU A 33 -19.05 2.83 3.85
N ASN A 34 -19.14 2.59 5.16
CA ASN A 34 -19.03 3.67 6.18
C ASN A 34 -17.66 4.34 6.06
N CYS A 35 -16.57 3.57 5.98
CA CYS A 35 -15.21 4.14 5.78
C CYS A 35 -15.22 4.99 4.50
N SER A 36 -15.77 4.50 3.39
CA SER A 36 -15.74 5.24 2.09
CA SER A 36 -15.76 5.23 2.08
C SER A 36 -16.51 6.56 2.21
N ARG A 37 -17.58 6.60 3.01
N ARG A 37 -17.56 6.62 3.02
CA ARG A 37 -18.41 7.82 3.22
CA ARG A 37 -18.38 7.84 3.19
C ARG A 37 -17.58 8.90 3.94
C ARG A 37 -17.60 8.91 3.98
N MET A 38 -16.49 8.51 4.62
CA MET A 38 -15.56 9.45 5.32
C MET A 38 -14.35 9.77 4.43
N GLY A 39 -14.32 9.26 3.20
CA GLY A 39 -13.17 9.39 2.28
C GLY A 39 -12.04 8.46 2.71
N ALA A 40 -12.39 7.35 3.36
CA ALA A 40 -11.43 6.43 4.02
C ALA A 40 -11.65 5.02 3.49
N HIS A 41 -10.90 4.06 4.02
CA HIS A 41 -11.01 2.61 3.71
CA HIS A 41 -11.19 2.63 3.76
C HIS A 41 -10.88 1.82 5.03
N LEU A 42 -11.41 0.60 5.08
CA LEU A 42 -11.04 -0.32 6.17
C LEU A 42 -9.51 -0.41 6.17
N VAL A 43 -8.91 -0.54 7.34
CA VAL A 43 -7.43 -0.46 7.52
C VAL A 43 -6.76 -1.48 6.60
N VAL A 44 -5.66 -1.04 6.02
CA VAL A 44 -4.78 -1.82 5.11
C VAL A 44 -3.44 -1.95 5.83
N ILE A 45 -3.15 -3.14 6.36
CA ILE A 45 -2.08 -3.34 7.39
C ILE A 45 -0.86 -3.94 6.69
N HIS A 46 0.13 -3.10 6.37
CA HIS A 46 1.29 -3.50 5.53
C HIS A 46 2.50 -3.92 6.37
N SER A 47 2.53 -3.59 7.67
CA SER A 47 3.75 -3.70 8.51
C SER A 47 3.41 -4.07 9.95
N GLN A 48 4.39 -4.57 10.69
CA GLN A 48 4.31 -4.78 12.15
C GLN A 48 3.94 -3.46 12.84
N GLU A 49 4.52 -2.35 12.41
CA GLU A 49 4.30 -1.01 13.01
CA GLU A 49 4.30 -1.00 13.00
C GLU A 49 2.81 -0.64 12.89
N GLU A 50 2.23 -0.85 11.72
CA GLU A 50 0.80 -0.53 11.49
C GLU A 50 -0.08 -1.47 12.32
N GLN A 51 0.23 -2.76 12.33
CA GLN A 51 -0.51 -3.77 13.12
C GLN A 51 -0.50 -3.34 14.60
N ASP A 52 0.68 -2.97 15.11
CA ASP A 52 0.84 -2.57 16.54
C ASP A 52 0.05 -1.28 16.78
N PHE A 53 0.18 -0.29 15.90
CA PHE A 53 -0.51 1.01 16.11
C PHE A 53 -2.01 0.79 16.11
N ILE A 54 -2.55 0.12 15.08
CA ILE A 54 -4.01 -0.07 14.92
C ILE A 54 -4.55 -0.82 16.15
N THR A 55 -3.91 -1.92 16.54
CA THR A 55 -4.38 -2.74 17.67
C THR A 55 -4.24 -1.96 18.98
N GLY A 56 -3.31 -1.01 19.07
CA GLY A 56 -3.14 -0.16 20.26
C GLY A 56 -4.34 0.74 20.51
N ILE A 57 -5.14 1.05 19.48
CA ILE A 57 -6.30 1.98 19.63
C ILE A 57 -7.62 1.19 19.73
N LEU A 58 -7.54 -0.15 19.82
CA LEU A 58 -8.74 -1.03 19.88
C LEU A 58 -9.03 -1.46 21.32
N ASP A 59 -10.26 -1.91 21.53
CA ASP A 59 -10.73 -2.54 22.79
C ASP A 59 -10.46 -4.05 22.68
N ILE A 60 -9.65 -4.61 23.59
CA ILE A 60 -9.26 -6.05 23.57
C ILE A 60 -10.49 -6.94 23.68
N HIS A 61 -11.64 -6.41 24.09
CA HIS A 61 -12.91 -7.18 24.25
C HIS A 61 -13.71 -7.22 22.93
N ALA A 62 -13.24 -6.59 21.85
CA ALA A 62 -14.01 -6.49 20.59
C ALA A 62 -13.19 -7.02 19.40
N ALA A 63 -13.88 -7.50 18.37
CA ALA A 63 -13.29 -7.92 17.08
C ALA A 63 -13.58 -6.84 16.04
N TYR A 64 -12.64 -6.57 15.14
CA TYR A 64 -12.77 -5.45 14.18
C TYR A 64 -12.45 -5.95 12.78
N PHE A 65 -13.34 -5.67 11.84
CA PHE A 65 -13.07 -5.86 10.40
C PHE A 65 -11.87 -5.01 9.98
N ILE A 66 -10.97 -5.63 9.22
CA ILE A 66 -9.86 -4.95 8.49
C ILE A 66 -10.15 -5.04 6.99
N GLY A 67 -9.42 -4.25 6.19
CA GLY A 67 -9.69 -4.08 4.75
C GLY A 67 -9.04 -5.17 3.92
N LEU A 68 -9.18 -6.42 4.34
CA LEU A 68 -8.61 -7.60 3.64
C LEU A 68 -9.77 -8.55 3.32
N TRP A 69 -9.86 -9.00 2.08
CA TRP A 69 -10.93 -9.94 1.67
C TRP A 69 -10.37 -10.91 0.62
N ASP A 70 -11.02 -12.06 0.54
CA ASP A 70 -10.58 -13.16 -0.37
C ASP A 70 -11.36 -13.00 -1.67
N THR A 71 -10.64 -12.66 -2.74
CA THR A 71 -11.18 -12.42 -4.10
C THR A 71 -11.35 -13.76 -4.82
N GLY A 72 -10.85 -14.86 -4.26
CA GLY A 72 -10.95 -16.19 -4.91
C GLY A 72 -10.86 -17.32 -3.89
N HIS A 73 -9.69 -17.94 -3.82
CA HIS A 73 -9.37 -19.08 -2.91
C HIS A 73 -8.09 -18.75 -2.17
N ARG A 74 -8.22 -18.05 -1.04
CA ARG A 74 -7.08 -17.51 -0.26
C ARG A 74 -6.32 -16.48 -1.11
N GLN A 75 -7.01 -15.85 -2.07
CA GLN A 75 -6.44 -14.76 -2.91
CA GLN A 75 -6.45 -14.76 -2.91
C GLN A 75 -6.78 -13.43 -2.22
N TRP A 76 -6.14 -13.20 -1.08
CA TRP A 76 -6.34 -12.03 -0.20
C TRP A 76 -5.98 -10.75 -0.96
N GLN A 77 -6.86 -9.75 -0.89
CA GLN A 77 -6.67 -8.45 -1.53
C GLN A 77 -7.00 -7.37 -0.50
N TRP A 78 -6.18 -6.33 -0.43
CA TRP A 78 -6.46 -5.12 0.39
C TRP A 78 -7.49 -4.26 -0.35
N VAL A 79 -8.35 -3.56 0.39
CA VAL A 79 -9.46 -2.75 -0.21
C VAL A 79 -8.88 -1.60 -1.06
N ASP A 80 -7.63 -1.18 -0.86
CA ASP A 80 -7.01 -0.11 -1.71
C ASP A 80 -6.22 -0.76 -2.85
N GLN A 81 -6.28 -2.09 -2.95
CA GLN A 81 -5.70 -2.91 -4.04
C GLN A 81 -4.17 -2.95 -3.98
N THR A 82 -3.54 -2.46 -2.91
CA THR A 82 -2.06 -2.47 -2.77
C THR A 82 -1.62 -3.91 -2.54
N PRO A 83 -0.38 -4.30 -2.90
CA PRO A 83 0.03 -5.70 -2.84
C PRO A 83 -0.12 -6.36 -1.46
N TYR A 84 -0.67 -7.55 -1.45
CA TYR A 84 -0.72 -8.45 -0.28
C TYR A 84 0.58 -9.27 -0.22
N GLU A 85 1.24 -9.26 0.93
CA GLU A 85 2.56 -9.91 1.18
C GLU A 85 2.40 -10.94 2.29
N GLU A 86 2.31 -12.22 1.91
CA GLU A 86 2.06 -13.32 2.87
CA GLU A 86 2.10 -13.37 2.84
C GLU A 86 3.10 -13.28 4.00
N SER A 87 4.34 -12.88 3.71
CA SER A 87 5.48 -12.87 4.67
C SER A 87 5.35 -11.76 5.71
N VAL A 88 4.47 -10.77 5.49
CA VAL A 88 4.26 -9.65 6.46
C VAL A 88 2.78 -9.64 6.89
N THR A 89 2.28 -10.74 7.45
CA THR A 89 0.87 -10.91 7.88
C THR A 89 0.83 -11.24 9.37
N PHE A 90 -0.35 -11.17 9.98
CA PHE A 90 -0.54 -11.28 11.45
C PHE A 90 -1.69 -12.24 11.76
N TRP A 91 -1.83 -13.29 10.95
CA TRP A 91 -2.86 -14.33 11.16
C TRP A 91 -2.63 -14.97 12.54
N HIS A 92 -3.70 -15.22 13.31
CA HIS A 92 -3.64 -16.07 14.52
C HIS A 92 -3.26 -17.49 14.10
N ASN A 93 -2.69 -18.25 15.05
CA ASN A 93 -2.39 -19.69 14.83
CA ASN A 93 -2.39 -19.69 14.86
C ASN A 93 -3.68 -20.40 14.41
N GLY A 94 -3.61 -21.19 13.34
CA GLY A 94 -4.77 -21.94 12.78
C GLY A 94 -5.64 -21.08 11.87
N GLU A 95 -5.25 -19.84 11.57
CA GLU A 95 -5.98 -18.95 10.63
C GLU A 95 -5.06 -18.66 9.45
N PRO A 96 -5.59 -18.42 8.23
CA PRO A 96 -7.01 -18.59 7.93
C PRO A 96 -7.46 -20.06 8.05
N SER A 97 -8.76 -20.31 8.24
CA SER A 97 -9.31 -21.63 8.61
C SER A 97 -10.28 -22.19 7.55
N SER A 98 -10.91 -21.36 6.72
CA SER A 98 -11.99 -21.85 5.82
C SER A 98 -12.12 -21.02 4.55
N ASP A 99 -12.20 -21.70 3.40
CA ASP A 99 -12.43 -21.02 2.10
C ASP A 99 -13.82 -20.39 2.05
N ASN A 100 -14.75 -20.75 2.95
CA ASN A 100 -16.10 -20.15 3.05
CA ASN A 100 -16.10 -20.12 2.98
C ASN A 100 -16.04 -18.78 3.74
N GLU A 101 -14.94 -18.50 4.44
CA GLU A 101 -14.75 -17.23 5.19
C GLU A 101 -13.91 -16.29 4.33
N LYS A 102 -14.54 -15.24 3.78
CA LYS A 102 -13.92 -14.38 2.74
C LYS A 102 -13.48 -13.01 3.28
N CYS A 103 -13.83 -12.67 4.52
CA CYS A 103 -13.50 -11.37 5.15
C CYS A 103 -12.64 -11.63 6.39
N VAL A 104 -12.00 -10.59 6.90
CA VAL A 104 -10.92 -10.71 7.91
C VAL A 104 -11.20 -9.75 9.06
N THR A 105 -11.09 -10.27 10.28
CA THR A 105 -11.19 -9.47 11.53
CA THR A 105 -11.16 -9.46 11.51
C THR A 105 -9.84 -9.55 12.26
N VAL A 106 -9.58 -8.55 13.10
CA VAL A 106 -8.44 -8.58 14.03
C VAL A 106 -9.06 -8.63 15.42
N TYR A 107 -8.57 -9.51 16.28
CA TYR A 107 -9.10 -9.69 17.65
C TYR A 107 -7.99 -10.20 18.55
N TYR A 108 -8.22 -10.09 19.86
CA TYR A 108 -7.23 -10.35 20.92
C TYR A 108 -7.48 -11.74 21.50
N ARG A 109 -6.48 -12.62 21.46
CA ARG A 109 -6.52 -13.94 22.15
CA ARG A 109 -6.52 -13.94 22.16
C ARG A 109 -5.80 -13.78 23.51
N ARG A 110 -6.50 -14.13 24.60
CA ARG A 110 -5.95 -14.04 25.98
C ARG A 110 -4.61 -14.77 26.02
N ASN A 111 -3.58 -14.14 26.58
CA ASN A 111 -2.22 -14.67 26.81
C ASN A 111 -1.49 -14.92 25.47
N ILE A 112 -1.95 -14.32 24.36
CA ILE A 112 -1.32 -14.47 23.01
C ILE A 112 -1.16 -13.08 22.38
N GLY A 113 -2.25 -12.34 22.27
CA GLY A 113 -2.24 -10.97 21.71
C GLY A 113 -3.13 -10.87 20.50
N TRP A 114 -2.94 -9.80 19.73
CA TRP A 114 -3.78 -9.47 18.56
C TRP A 114 -3.38 -10.32 17.37
N GLY A 115 -4.33 -10.67 16.53
CA GLY A 115 -4.10 -11.44 15.31
C GLY A 115 -5.32 -11.42 14.43
N TRP A 116 -5.15 -11.85 13.17
CA TRP A 116 -6.23 -11.85 12.16
C TRP A 116 -6.93 -13.22 12.14
N ASN A 117 -8.21 -13.18 11.78
CA ASN A 117 -9.09 -14.36 11.65
C ASN A 117 -9.94 -14.15 10.40
N ASP A 118 -10.00 -15.14 9.52
CA ASP A 118 -11.00 -15.13 8.42
C ASP A 118 -12.36 -15.45 9.06
N ILE A 119 -13.39 -14.69 8.70
CA ILE A 119 -14.78 -14.93 9.19
C ILE A 119 -15.74 -14.65 8.03
N SER A 120 -17.00 -15.03 8.21
CA SER A 120 -18.09 -14.73 7.24
C SER A 120 -18.24 -13.21 7.12
N CYS A 121 -18.33 -12.71 5.89
CA CYS A 121 -18.50 -11.28 5.56
C CYS A 121 -19.83 -10.75 6.11
N ASN A 122 -20.80 -11.63 6.37
CA ASN A 122 -22.18 -11.27 6.79
C ASN A 122 -22.26 -11.11 8.31
N LEU A 123 -21.32 -11.64 9.08
CA LEU A 123 -21.29 -11.45 10.55
C LEU A 123 -21.02 -9.97 10.84
N LYS A 124 -21.69 -9.42 11.83
CA LYS A 124 -21.54 -7.99 12.20
C LYS A 124 -20.36 -7.88 13.17
N GLN A 125 -19.43 -6.97 12.89
CA GLN A 125 -18.29 -6.69 13.79
C GLN A 125 -18.10 -5.18 13.87
N LYS A 126 -17.22 -4.74 14.75
CA LYS A 126 -16.74 -3.34 14.75
CA LYS A 126 -16.70 -3.36 14.78
C LYS A 126 -15.77 -3.21 13.58
N SER A 127 -15.17 -2.05 13.39
CA SER A 127 -14.25 -1.81 12.25
C SER A 127 -13.28 -0.70 12.61
N VAL A 128 -12.25 -0.54 11.78
CA VAL A 128 -11.32 0.60 11.88
CA VAL A 128 -11.25 0.56 11.88
C VAL A 128 -11.00 1.08 10.46
N CYS A 129 -11.01 2.39 10.29
CA CYS A 129 -10.83 3.08 8.99
C CYS A 129 -9.48 3.78 8.97
N GLN A 130 -8.95 4.00 7.78
CA GLN A 130 -7.72 4.77 7.58
C GLN A 130 -7.89 5.63 6.34
N MET A 131 -7.23 6.78 6.33
CA MET A 131 -7.07 7.63 5.13
C MET A 131 -5.66 8.20 5.14
N LYS A 132 -5.20 8.70 4.00
CA LYS A 132 -3.92 9.44 3.88
C LYS A 132 -4.05 10.75 4.67
N LYS A 133 -2.98 11.17 5.34
CA LYS A 133 -2.95 12.46 6.08
CA LYS A 133 -2.88 12.45 6.07
C LYS A 133 -2.77 13.59 5.04
N ILE A 134 -2.87 14.84 5.50
CA ILE A 134 -2.67 16.07 4.66
C ILE A 134 -1.35 16.73 5.07
N SER B 3 14.80 26.10 -1.94
CA SER B 3 13.57 26.95 -1.90
C SER B 3 12.36 26.14 -2.39
N MET B 4 12.34 25.82 -3.69
CA MET B 4 11.19 25.17 -4.37
C MET B 4 11.11 23.70 -3.97
N CYS B 5 12.26 23.09 -3.63
CA CYS B 5 12.36 21.69 -3.16
C CYS B 5 13.01 21.66 -1.78
N PRO B 6 12.57 20.76 -0.88
CA PRO B 6 13.22 20.59 0.41
C PRO B 6 14.69 20.21 0.21
N LYS B 7 15.50 20.47 1.24
CA LYS B 7 16.95 20.13 1.29
C LYS B 7 17.16 18.69 0.80
N ASP B 8 18.11 18.50 -0.13
CA ASP B 8 18.58 17.18 -0.66
C ASP B 8 17.70 16.68 -1.82
N TRP B 9 16.52 17.28 -2.05
CA TRP B 9 15.60 16.88 -3.15
C TRP B 9 16.03 17.57 -4.45
N LYS B 10 15.69 16.99 -5.59
CA LYS B 10 16.11 17.51 -6.92
C LYS B 10 14.87 17.96 -7.70
N LEU B 11 14.92 19.17 -8.24
CA LEU B 11 13.81 19.82 -8.97
C LEU B 11 13.77 19.32 -10.42
N PHE B 12 12.60 18.92 -10.88
CA PHE B 12 12.32 18.76 -12.33
C PHE B 12 10.86 19.11 -12.61
N GLY B 13 10.64 20.09 -13.50
CA GLY B 13 9.30 20.59 -13.82
C GLY B 13 8.60 21.09 -12.58
N SER B 14 7.45 20.51 -12.25
CA SER B 14 6.60 20.94 -11.10
C SER B 14 6.80 20.01 -9.90
N HIS B 15 7.81 19.14 -9.92
CA HIS B 15 8.03 18.12 -8.86
C HIS B 15 9.46 18.17 -8.30
N CYS B 16 9.62 17.58 -7.12
CA CYS B 16 10.90 17.36 -6.42
C CYS B 16 11.07 15.85 -6.27
N TYR B 17 12.30 15.36 -6.46
CA TYR B 17 12.62 13.91 -6.47
C TYR B 17 13.71 13.61 -5.45
N LEU B 18 13.64 12.43 -4.86
CA LEU B 18 14.68 11.96 -3.92
C LEU B 18 14.84 10.45 -4.04
N VAL B 19 16.08 9.98 -4.12
CA VAL B 19 16.46 8.57 -3.79
C VAL B 19 16.70 8.53 -2.29
N PRO B 20 15.83 7.89 -1.47
CA PRO B 20 16.05 7.83 -0.04
C PRO B 20 17.33 7.05 0.28
N THR B 21 18.08 7.52 1.28
CA THR B 21 19.13 6.75 2.01
C THR B 21 19.00 7.12 3.49
N VAL B 22 19.01 6.10 4.35
CA VAL B 22 18.28 5.93 5.64
C VAL B 22 17.51 4.61 5.47
N PHE B 23 16.95 4.42 4.27
CA PHE B 23 16.18 3.22 3.87
C PHE B 23 16.97 2.49 2.78
N SER B 24 18.02 1.79 3.20
CA SER B 24 19.00 1.07 2.37
C SER B 24 18.29 0.32 1.23
N SER B 25 17.26 -0.45 1.58
CA SER B 25 16.50 -1.34 0.67
C SER B 25 15.19 -1.73 1.38
N ALA B 26 14.08 -1.87 0.64
CA ALA B 26 12.76 -2.21 1.22
C ALA B 26 11.79 -2.70 0.14
N SER B 27 10.76 -3.44 0.57
CA SER B 27 9.65 -3.93 -0.28
C SER B 27 8.95 -2.74 -0.95
N TRP B 28 8.11 -3.02 -1.93
CA TRP B 28 7.32 -1.97 -2.62
C TRP B 28 6.46 -1.22 -1.60
N ASN B 29 5.67 -1.94 -0.79
CA ASN B 29 4.73 -1.30 0.17
C ASN B 29 5.51 -0.42 1.14
N LYS B 30 6.63 -0.93 1.67
CA LYS B 30 7.42 -0.21 2.69
C LYS B 30 8.06 1.03 2.03
N SER B 31 8.51 0.89 0.78
CA SER B 31 9.07 2.01 -0.02
C SER B 31 8.01 3.10 -0.20
N GLU B 32 6.78 2.72 -0.53
CA GLU B 32 5.67 3.68 -0.75
C GLU B 32 5.37 4.42 0.56
N GLU B 33 5.36 3.72 1.70
CA GLU B 33 5.06 4.35 3.02
C GLU B 33 6.19 5.30 3.38
N ASN B 34 7.45 4.94 3.11
CA ASN B 34 8.62 5.83 3.36
CA ASN B 34 8.63 5.82 3.35
C ASN B 34 8.46 7.13 2.58
N CYS B 35 8.11 7.06 1.29
CA CYS B 35 7.88 8.27 0.46
C CYS B 35 6.72 9.06 1.08
N SER B 36 5.61 8.38 1.39
CA SER B 36 4.36 9.01 1.90
C SER B 36 4.65 9.73 3.22
N ARG B 37 5.52 9.19 4.06
CA ARG B 37 5.87 9.81 5.36
C ARG B 37 6.55 11.18 5.14
N MET B 38 7.21 11.37 4.00
CA MET B 38 7.87 12.67 3.63
C MET B 38 6.93 13.54 2.81
N GLY B 39 5.65 13.20 2.74
CA GLY B 39 4.63 13.91 1.96
C GLY B 39 4.79 13.68 0.46
N ALA B 40 5.37 12.54 0.08
CA ALA B 40 5.69 12.18 -1.32
C ALA B 40 5.05 10.82 -1.65
N HIS B 41 5.37 10.26 -2.81
CA HIS B 41 4.95 8.91 -3.25
C HIS B 41 6.01 8.33 -4.18
N LEU B 42 6.01 7.03 -4.40
CA LEU B 42 6.91 6.41 -5.41
C LEU B 42 6.67 7.12 -6.75
N VAL B 43 7.72 7.30 -7.54
CA VAL B 43 7.66 8.14 -8.78
C VAL B 43 6.54 7.64 -9.69
N VAL B 44 5.79 8.58 -10.23
CA VAL B 44 4.76 8.38 -11.28
C VAL B 44 5.30 9.02 -12.56
N ILE B 45 5.53 8.22 -13.60
CA ILE B 45 6.29 8.64 -14.82
C ILE B 45 5.29 8.87 -15.96
N HIS B 46 5.05 10.14 -16.34
CA HIS B 46 4.01 10.47 -17.34
CA HIS B 46 4.01 10.55 -17.32
C HIS B 46 4.63 10.96 -18.66
N SER B 47 5.96 10.90 -18.80
CA SER B 47 6.63 11.37 -20.04
C SER B 47 8.06 10.82 -20.15
N GLN B 48 8.58 10.84 -21.37
CA GLN B 48 10.01 10.53 -21.68
C GLN B 48 10.92 11.39 -20.80
N GLU B 49 10.58 12.67 -20.65
CA GLU B 49 11.40 13.67 -19.92
CA GLU B 49 11.40 13.67 -19.93
C GLU B 49 11.50 13.26 -18.44
N GLU B 50 10.37 12.87 -17.84
CA GLU B 50 10.34 12.38 -16.44
C GLU B 50 11.17 11.10 -16.33
N GLN B 51 10.97 10.15 -17.24
CA GLN B 51 11.71 8.86 -17.27
C GLN B 51 13.22 9.16 -17.29
N ASP B 52 13.63 10.05 -18.19
CA ASP B 52 15.07 10.41 -18.37
C ASP B 52 15.59 11.14 -17.14
N PHE B 53 14.84 12.11 -16.59
CA PHE B 53 15.29 12.87 -15.40
C PHE B 53 15.50 11.89 -14.23
N ILE B 54 14.46 11.09 -13.95
CA ILE B 54 14.46 10.14 -12.79
C ILE B 54 15.66 9.20 -12.93
N THR B 55 15.85 8.60 -14.10
CA THR B 55 16.94 7.61 -14.30
C THR B 55 18.30 8.30 -14.28
N GLY B 56 18.35 9.59 -14.59
CA GLY B 56 19.59 10.41 -14.57
C GLY B 56 20.16 10.54 -13.17
N ILE B 57 19.33 10.46 -12.14
CA ILE B 57 19.78 10.66 -10.73
C ILE B 57 19.99 9.29 -10.05
N LEU B 58 19.94 8.19 -10.81
CA LEU B 58 20.07 6.82 -10.25
C LEU B 58 21.48 6.27 -10.50
N ASP B 59 21.82 5.22 -9.76
CA ASP B 59 23.05 4.41 -9.93
C ASP B 59 22.71 3.25 -10.87
N ILE B 60 23.41 3.15 -12.00
CA ILE B 60 23.15 2.12 -13.07
C ILE B 60 23.32 0.70 -12.51
N HIS B 61 23.97 0.55 -11.35
CA HIS B 61 24.24 -0.76 -10.69
C HIS B 61 23.09 -1.18 -9.77
N ALA B 62 22.00 -0.41 -9.69
CA ALA B 62 20.90 -0.64 -8.73
C ALA B 62 19.54 -0.59 -9.45
N ALA B 63 18.57 -1.33 -8.92
CA ALA B 63 17.17 -1.34 -9.42
C ALA B 63 16.32 -0.57 -8.41
N TYR B 64 15.30 0.15 -8.89
CA TYR B 64 14.52 1.10 -8.06
C TYR B 64 13.04 0.87 -8.32
N PHE B 65 12.25 0.64 -7.26
CA PHE B 65 10.77 0.63 -7.34
C PHE B 65 10.26 1.99 -7.82
N ILE B 66 9.29 1.95 -8.73
CA ILE B 66 8.49 3.14 -9.16
C ILE B 66 7.05 2.89 -8.71
N GLY B 67 6.19 3.91 -8.75
CA GLY B 67 4.83 3.88 -8.19
C GLY B 67 3.83 3.23 -9.13
N LEU B 68 4.22 2.13 -9.76
CA LEU B 68 3.38 1.39 -10.74
C LEU B 68 3.23 -0.04 -10.25
N TRP B 69 2.00 -0.55 -10.21
CA TRP B 69 1.77 -1.95 -9.82
C TRP B 69 0.48 -2.50 -10.44
N ASP B 70 0.38 -3.83 -10.48
CA ASP B 70 -0.73 -4.60 -11.09
C ASP B 70 -1.77 -4.88 -9.99
N THR B 71 -2.96 -4.31 -10.12
CA THR B 71 -4.06 -4.39 -9.13
C THR B 71 -4.91 -5.65 -9.35
N GLY B 72 -4.75 -6.31 -10.51
CA GLY B 72 -5.54 -7.49 -10.88
C GLY B 72 -4.78 -8.38 -11.84
N HIS B 73 -5.17 -8.36 -13.12
CA HIS B 73 -4.53 -9.18 -14.18
CA HIS B 73 -4.57 -9.18 -14.21
C HIS B 73 -3.96 -8.25 -15.26
N ARG B 74 -2.67 -7.93 -15.11
CA ARG B 74 -1.94 -6.96 -15.96
C ARG B 74 -2.74 -5.65 -16.01
N GLN B 75 -3.29 -5.26 -14.85
CA GLN B 75 -4.13 -4.04 -14.68
C GLN B 75 -3.31 -2.98 -13.92
N TRP B 76 -2.47 -2.24 -14.64
CA TRP B 76 -1.44 -1.34 -14.07
C TRP B 76 -2.09 -0.05 -13.56
N GLN B 77 -1.72 0.35 -12.34
CA GLN B 77 -2.17 1.62 -11.73
C GLN B 77 -0.98 2.37 -11.15
N TRP B 78 -1.05 3.70 -11.19
CA TRP B 78 -0.08 4.62 -10.55
C TRP B 78 -0.57 4.94 -9.14
N VAL B 79 0.36 5.11 -8.20
CA VAL B 79 0.04 5.31 -6.76
C VAL B 79 -0.72 6.63 -6.55
N ASP B 80 -0.68 7.58 -7.49
CA ASP B 80 -1.40 8.87 -7.34
C ASP B 80 -2.72 8.86 -8.13
N GLN B 81 -3.13 7.69 -8.65
CA GLN B 81 -4.45 7.47 -9.31
C GLN B 81 -4.49 8.11 -10.69
N THR B 82 -3.41 8.71 -11.18
CA THR B 82 -3.36 9.30 -12.53
C THR B 82 -3.40 8.17 -13.54
N PRO B 83 -4.02 8.38 -14.74
CA PRO B 83 -4.31 7.28 -15.66
C PRO B 83 -3.03 6.63 -16.20
N TYR B 84 -3.06 5.31 -16.35
CA TYR B 84 -2.01 4.50 -17.02
C TYR B 84 -2.24 4.57 -18.54
N GLU B 85 -1.28 5.17 -19.26
CA GLU B 85 -1.29 5.30 -20.75
C GLU B 85 -0.27 4.33 -21.33
N GLU B 86 -0.73 3.20 -21.90
CA GLU B 86 0.14 2.13 -22.46
C GLU B 86 1.09 2.70 -23.54
N SER B 87 0.68 3.78 -24.21
CA SER B 87 1.42 4.41 -25.34
C SER B 87 2.64 5.18 -24.80
N VAL B 88 2.64 5.56 -23.52
CA VAL B 88 3.73 6.36 -22.86
C VAL B 88 4.33 5.53 -21.72
N THR B 89 4.93 4.39 -22.03
CA THR B 89 5.58 3.47 -21.06
C THR B 89 7.02 3.18 -21.53
N PHE B 90 7.82 2.57 -20.66
CA PHE B 90 9.29 2.39 -20.85
C PHE B 90 9.71 1.00 -20.40
N TRP B 91 8.86 0.01 -20.65
CA TRP B 91 9.13 -1.43 -20.35
C TRP B 91 10.38 -1.86 -21.13
N HIS B 92 11.30 -2.57 -20.49
CA HIS B 92 12.39 -3.31 -21.16
C HIS B 92 11.77 -4.32 -22.13
N ASN B 93 12.50 -4.71 -23.18
CA ASN B 93 12.04 -5.73 -24.15
CA ASN B 93 12.02 -5.73 -24.15
C ASN B 93 11.75 -7.02 -23.38
N GLY B 94 10.56 -7.61 -23.59
CA GLY B 94 10.11 -8.84 -22.92
C GLY B 94 9.31 -8.55 -21.65
N GLU B 95 9.14 -7.27 -21.30
CA GLU B 95 8.50 -6.85 -20.03
C GLU B 95 7.18 -6.14 -20.35
N PRO B 96 6.15 -6.26 -19.49
CA PRO B 96 6.24 -7.06 -18.26
C PRO B 96 6.16 -8.55 -18.60
N SER B 97 6.89 -9.39 -17.85
CA SER B 97 7.20 -10.81 -18.20
C SER B 97 6.21 -11.79 -17.58
N SER B 98 5.71 -11.54 -16.37
CA SER B 98 5.07 -12.58 -15.51
C SER B 98 3.90 -12.02 -14.69
N ASP B 99 2.79 -12.76 -14.66
CA ASP B 99 1.57 -12.46 -13.84
C ASP B 99 1.89 -12.60 -12.34
N ASN B 100 2.96 -13.33 -11.98
CA ASN B 100 3.44 -13.48 -10.57
C ASN B 100 4.11 -12.19 -10.07
N GLU B 101 4.53 -11.32 -11.00
CA GLU B 101 5.32 -10.09 -10.70
C GLU B 101 4.41 -8.88 -10.85
N LYS B 102 3.96 -8.30 -9.73
CA LYS B 102 2.87 -7.27 -9.71
C LYS B 102 3.43 -5.87 -9.48
N CYS B 103 4.71 -5.74 -9.12
CA CYS B 103 5.36 -4.43 -8.79
C CYS B 103 6.47 -4.13 -9.79
N VAL B 104 6.71 -2.85 -10.06
CA VAL B 104 7.56 -2.42 -11.20
C VAL B 104 8.82 -1.75 -10.66
N THR B 105 9.96 -2.17 -11.19
CA THR B 105 11.27 -1.52 -10.94
CA THR B 105 11.27 -1.51 -10.94
C THR B 105 11.75 -0.87 -12.24
N VAL B 106 12.63 0.11 -12.12
CA VAL B 106 13.39 0.68 -13.27
C VAL B 106 14.84 0.27 -13.02
N TYR B 107 15.47 -0.33 -14.02
CA TYR B 107 16.90 -0.75 -13.92
C TYR B 107 17.55 -0.61 -15.30
N TYR B 108 18.88 -0.63 -15.29
CA TYR B 108 19.75 -0.34 -16.46
C TYR B 108 20.23 -1.65 -17.07
N ARG B 109 19.91 -1.90 -18.35
CA ARG B 109 20.43 -3.03 -19.15
C ARG B 109 21.63 -2.54 -19.97
N ARG B 110 22.82 -3.08 -19.70
CA ARG B 110 24.09 -2.77 -20.42
C ARG B 110 23.85 -2.66 -21.93
N ASN B 111 24.24 -1.54 -22.54
CA ASN B 111 24.22 -1.29 -24.01
C ASN B 111 22.79 -1.15 -24.54
N ILE B 112 21.81 -0.94 -23.66
CA ILE B 112 20.39 -0.65 -24.03
C ILE B 112 19.96 0.63 -23.30
N GLY B 113 20.18 0.72 -22.00
CA GLY B 113 19.77 1.86 -21.15
C GLY B 113 18.73 1.44 -20.11
N TRP B 114 17.96 2.40 -19.61
CA TRP B 114 17.01 2.20 -18.50
C TRP B 114 15.67 1.72 -19.04
N GLY B 115 14.94 0.94 -18.24
CA GLY B 115 13.58 0.52 -18.58
C GLY B 115 12.91 -0.19 -17.43
N TRP B 116 11.62 -0.45 -17.57
CA TRP B 116 10.77 -1.01 -16.48
C TRP B 116 10.81 -2.54 -16.54
N ASN B 117 10.72 -3.15 -15.35
CA ASN B 117 10.68 -4.61 -15.13
C ASN B 117 9.64 -4.89 -14.03
N ASP B 118 8.65 -5.74 -14.30
CA ASP B 118 7.75 -6.29 -13.25
C ASP B 118 8.56 -7.27 -12.39
N ILE B 119 8.53 -7.12 -11.07
CA ILE B 119 9.15 -8.08 -10.11
C ILE B 119 8.16 -8.36 -8.97
N SER B 120 8.54 -9.26 -8.07
CA SER B 120 7.78 -9.60 -6.84
C SER B 120 7.82 -8.41 -5.89
N CYS B 121 6.66 -8.00 -5.40
CA CYS B 121 6.44 -6.83 -4.52
C CYS B 121 7.20 -7.00 -3.19
N ASN B 122 7.56 -8.25 -2.85
CA ASN B 122 8.17 -8.54 -1.51
CA ASN B 122 8.17 -8.63 -1.54
C ASN B 122 9.70 -8.43 -1.61
N LEU B 123 10.26 -8.48 -2.81
CA LEU B 123 11.72 -8.27 -3.01
C LEU B 123 12.08 -6.85 -2.58
N LYS B 124 13.19 -6.70 -1.86
CA LYS B 124 13.68 -5.39 -1.36
C LYS B 124 14.50 -4.75 -2.49
N GLN B 125 14.23 -3.48 -2.77
CA GLN B 125 14.91 -2.69 -3.82
C GLN B 125 15.16 -1.29 -3.26
N LYS B 126 15.96 -0.50 -3.97
CA LYS B 126 16.01 0.97 -3.74
C LYS B 126 14.69 1.53 -4.26
N SER B 127 14.47 2.84 -4.12
CA SER B 127 13.22 3.48 -4.57
C SER B 127 13.51 4.94 -4.92
N VAL B 128 12.56 5.59 -5.55
CA VAL B 128 12.63 7.06 -5.79
CA VAL B 128 12.60 7.05 -5.87
C VAL B 128 11.25 7.65 -5.49
N CYS B 129 11.27 8.73 -4.72
CA CYS B 129 10.08 9.47 -4.23
C CYS B 129 9.94 10.74 -5.05
N GLN B 130 8.71 11.20 -5.17
CA GLN B 130 8.29 12.38 -5.95
C GLN B 130 7.24 13.13 -5.14
N MET B 131 7.27 14.46 -5.18
CA MET B 131 6.28 15.34 -4.50
CA MET B 131 6.17 15.28 -4.60
C MET B 131 6.15 16.62 -5.33
N LYS B 132 5.03 17.32 -5.22
CA LYS B 132 4.82 18.66 -5.83
C LYS B 132 5.82 19.63 -5.21
N LYS B 133 6.42 20.51 -6.01
CA LYS B 133 7.38 21.52 -5.51
C LYS B 133 6.60 22.56 -4.69
N ILE B 134 7.33 23.32 -3.87
CA ILE B 134 6.79 24.29 -2.87
C ILE B 134 6.50 25.62 -3.58
#